data_2BR9
#
_entry.id   2BR9
#
_cell.length_a   78.011
_cell.length_b   81.533
_cell.length_c   80.966
_cell.angle_alpha   90.00
_cell.angle_beta   90.00
_cell.angle_gamma   90.00
#
_symmetry.space_group_name_H-M   'C 2 2 21'
#
loop_
_entity.id
_entity.type
_entity.pdbx_description
1 polymer '14-3-3 PROTEIN EPSILON'
2 polymer 'CONSENSUS PEPTIDE FOR 14-3-3 PROTEINS'
3 water water
#
loop_
_entity_poly.entity_id
_entity_poly.type
_entity_poly.pdbx_seq_one_letter_code
_entity_poly.pdbx_strand_id
1 'polypeptide(L)'
;SMDDREDLVYQAKLAEQAERYDEMVESMKKVAGMDVELTVEERNLLSVAYKNVIGARRASWRIISSIEQKEENKGGEDKL
KMIREYRQMVETELKLICCDILDVLDKHLIPAANTGESKVFYYKMKGDYHRYLAEFATGNDRKEAAENSLVAYKAASDIA
MTELPPTHPIRLGLALNFSVFYYEILNSPDRACRLAKAAFDDAIAELDTLSEESYKDSTLIMQLLRDNLTLWTS
;
A
2 'polypeptide(L)' RRQR(SEP)AP P
#
# COMPACT_ATOMS: atom_id res chain seq x y z
N ASP A 4 0.33 -28.11 7.40
CA ASP A 4 1.10 -27.02 8.06
C ASP A 4 0.91 -25.64 7.45
N ARG A 5 0.87 -25.51 6.12
CA ARG A 5 0.29 -24.34 5.49
C ARG A 5 -1.10 -24.00 6.09
N GLU A 6 -1.97 -24.99 6.27
CA GLU A 6 -3.32 -24.75 6.85
C GLU A 6 -3.22 -24.29 8.31
N ASP A 7 -2.25 -24.87 9.02
CA ASP A 7 -1.90 -24.52 10.40
C ASP A 7 -1.40 -23.08 10.48
N LEU A 8 -0.54 -22.67 9.56
CA LEU A 8 -0.07 -21.27 9.60
C LEU A 8 -1.19 -20.27 9.34
N VAL A 9 -2.05 -20.60 8.39
CA VAL A 9 -3.20 -19.73 8.06
C VAL A 9 -4.13 -19.62 9.29
N TYR A 10 -4.36 -20.74 9.94
CA TYR A 10 -5.19 -20.71 11.15
C TYR A 10 -4.54 -19.85 12.22
N GLN A 11 -3.23 -20.05 12.45
CA GLN A 11 -2.48 -19.11 13.39
C GLN A 11 -2.57 -17.64 13.00
N ALA A 12 -2.53 -17.35 11.70
CA ALA A 12 -2.69 -15.97 11.23
C ALA A 12 -4.07 -15.39 11.58
N LYS A 13 -5.08 -16.20 11.37
CA LYS A 13 -6.48 -15.81 11.68
C LYS A 13 -6.69 -15.61 13.19
N LEU A 14 -6.03 -16.42 14.00
CA LEU A 14 -6.16 -16.28 15.47
C LEU A 14 -5.50 -14.98 15.86
N ALA A 15 -4.32 -14.72 15.31
CA ALA A 15 -3.62 -13.48 15.59
C ALA A 15 -4.46 -12.28 15.15
N GLU A 16 -5.13 -12.40 14.02
CA GLU A 16 -5.94 -11.28 13.50
C GLU A 16 -7.11 -11.00 14.49
N GLN A 17 -7.78 -12.05 14.93
CA GLN A 17 -8.86 -12.00 15.90
C GLN A 17 -8.41 -11.31 17.21
N ALA A 18 -7.19 -11.63 17.64
CA ALA A 18 -6.56 -11.09 18.86
C ALA A 18 -5.97 -9.68 18.67
N GLU A 19 -5.94 -9.22 17.42
CA GLU A 19 -5.29 -7.96 17.02
C GLU A 19 -3.83 -7.92 17.37
N ARG A 20 -3.19 -9.07 17.18
CA ARG A 20 -1.76 -9.15 17.34
C ARG A 20 -1.08 -9.25 15.99
N TYR A 21 -1.02 -8.12 15.29
CA TYR A 21 -0.63 -8.13 13.87
C TYR A 21 0.83 -8.49 13.60
N ASP A 22 1.68 -8.32 14.62
CA ASP A 22 3.10 -8.75 14.54
C ASP A 22 3.15 -10.25 14.31
N GLU A 23 2.35 -10.98 15.11
CA GLU A 23 2.32 -12.43 14.98
C GLU A 23 1.67 -12.86 13.69
N MET A 24 0.64 -12.12 13.28
CA MET A 24 -0.01 -12.35 12.01
C MET A 24 0.99 -12.28 10.83
N VAL A 25 1.85 -11.28 10.85
CA VAL A 25 2.92 -11.14 9.85
C VAL A 25 3.84 -12.34 9.87
N GLU A 26 4.24 -12.81 11.06
CA GLU A 26 5.21 -13.92 11.20
C GLU A 26 4.62 -15.15 10.56
N SER A 27 3.32 -15.40 10.80
CA SER A 27 2.70 -16.61 10.27
C SER A 27 2.58 -16.57 8.76
N MET A 28 2.18 -15.43 8.24
CA MET A 28 1.99 -15.22 6.79
C MET A 28 3.34 -15.12 6.06
N LYS A 29 4.38 -14.52 6.68
CA LYS A 29 5.72 -14.66 6.10
C LYS A 29 6.17 -16.10 5.87
N LYS A 30 5.93 -16.99 6.84
CA LYS A 30 6.18 -18.41 6.65
C LYS A 30 5.48 -19.05 5.44
N VAL A 31 4.22 -18.67 5.21
CA VAL A 31 3.46 -19.17 4.07
C VAL A 31 4.13 -18.64 2.78
N ALA A 32 4.48 -17.36 2.78
CA ALA A 32 5.07 -16.73 1.60
C ALA A 32 6.41 -17.45 1.33
N GLY A 33 7.10 -17.84 2.40
CA GLY A 33 8.40 -18.55 2.34
C GLY A 33 8.35 -19.90 1.62
N MET A 34 7.16 -20.46 1.46
CA MET A 34 7.00 -21.79 0.80
C MET A 34 7.18 -21.75 -0.72
N ASP A 35 7.26 -20.56 -1.29
CA ASP A 35 7.51 -20.32 -2.74
C ASP A 35 6.45 -20.93 -3.65
N VAL A 36 5.21 -20.75 -3.26
CA VAL A 36 4.08 -21.26 -4.00
C VAL A 36 3.08 -20.13 -4.15
N GLU A 37 2.20 -20.29 -5.14
CA GLU A 37 1.11 -19.35 -5.34
C GLU A 37 0.20 -19.31 -4.10
N LEU A 38 0.02 -18.12 -3.54
CA LEU A 38 -0.84 -18.00 -2.39
C LEU A 38 -2.28 -18.00 -2.87
N THR A 39 -3.17 -18.54 -2.04
CA THR A 39 -4.61 -18.38 -2.32
C THR A 39 -5.09 -16.91 -2.17
N VAL A 40 -6.31 -16.59 -2.60
CA VAL A 40 -6.82 -15.23 -2.40
C VAL A 40 -6.89 -14.92 -0.91
N GLU A 41 -7.35 -15.90 -0.15
CA GLU A 41 -7.42 -15.72 1.32
C GLU A 41 -6.06 -15.41 1.91
N GLU A 42 -5.03 -16.18 1.51
CA GLU A 42 -3.65 -15.97 2.00
C GLU A 42 -3.07 -14.63 1.57
N ARG A 43 -3.27 -14.23 0.30
CA ARG A 43 -2.81 -12.88 -0.11
C ARG A 43 -3.47 -11.80 0.73
N ASN A 44 -4.76 -11.92 0.96
CA ASN A 44 -5.43 -10.91 1.74
C ASN A 44 -4.99 -10.87 3.22
N LEU A 45 -4.72 -12.02 3.83
CA LEU A 45 -4.23 -12.08 5.21
C LEU A 45 -2.84 -11.50 5.28
N LEU A 46 -1.98 -11.84 4.31
CA LEU A 46 -0.62 -11.25 4.26
C LEU A 46 -0.74 -9.72 4.13
N SER A 47 -1.59 -9.24 3.23
CA SER A 47 -1.79 -7.79 3.03
C SER A 47 -2.33 -7.11 4.29
N VAL A 48 -3.33 -7.72 4.91
CA VAL A 48 -3.90 -7.14 6.13
C VAL A 48 -2.87 -7.01 7.23
N ALA A 49 -2.03 -8.04 7.37
CA ALA A 49 -1.09 -8.12 8.49
C ALA A 49 -0.11 -6.96 8.35
N TYR A 50 0.49 -6.80 7.17
CA TYR A 50 1.47 -5.76 6.98
C TYR A 50 0.81 -4.40 6.97
N LYS A 51 -0.45 -4.32 6.49
CA LYS A 51 -1.11 -3.01 6.40
C LYS A 51 -1.28 -2.48 7.83
N ASN A 52 -1.66 -3.36 8.78
CA ASN A 52 -1.82 -2.95 10.18
C ASN A 52 -0.50 -2.67 10.88
N VAL A 53 0.52 -3.48 10.59
CA VAL A 53 1.81 -3.25 11.23
C VAL A 53 2.46 -1.91 10.79
N ILE A 54 2.44 -1.65 9.48
CA ILE A 54 3.02 -0.42 9.00
C ILE A 54 2.06 0.76 9.29
N GLY A 55 0.75 0.54 9.25
CA GLY A 55 -0.27 1.58 9.42
C GLY A 55 -0.10 2.21 10.78
N ALA A 56 0.20 1.39 11.78
CA ALA A 56 0.36 1.93 13.13
C ALA A 56 1.54 2.91 13.18
N ARG A 57 2.64 2.55 12.52
CA ARG A 57 3.81 3.40 12.54
C ARG A 57 3.59 4.63 11.68
N ARG A 58 2.86 4.50 10.56
CA ARG A 58 2.66 5.68 9.70
C ARG A 58 1.77 6.67 10.47
N ALA A 59 0.79 6.14 11.23
CA ALA A 59 -0.09 7.05 11.98
C ALA A 59 0.74 7.75 13.05
N SER A 60 1.58 6.97 13.74
CA SER A 60 2.50 7.56 14.75
C SER A 60 3.37 8.66 14.12
N TRP A 61 3.91 8.42 12.93
CA TRP A 61 4.84 9.32 12.28
C TRP A 61 4.11 10.61 11.92
N ARG A 62 2.88 10.51 11.39
CA ARG A 62 2.15 11.71 11.02
C ARG A 62 1.81 12.52 12.25
N ILE A 63 1.39 11.86 13.33
CA ILE A 63 1.16 12.60 14.59
C ILE A 63 2.43 13.33 15.06
N ILE A 64 3.56 12.60 15.13
CA ILE A 64 4.75 13.17 15.66
C ILE A 64 5.17 14.33 14.76
N SER A 65 5.03 14.14 13.46
CA SER A 65 5.38 15.20 12.50
C SER A 65 4.50 16.42 12.68
N SER A 66 3.21 16.23 13.01
CA SER A 66 2.37 17.42 13.18
C SER A 66 2.81 18.19 14.43
N ILE A 67 3.24 17.45 15.46
CA ILE A 67 3.67 18.06 16.70
C ILE A 67 4.98 18.86 16.41
N GLU A 68 5.85 18.25 15.59
CA GLU A 68 7.10 18.86 15.16
C GLU A 68 6.78 20.16 14.40
N GLN A 69 5.78 20.14 13.52
CA GLN A 69 5.44 21.38 12.76
C GLN A 69 4.89 22.45 13.66
N LYS A 70 4.08 22.04 14.65
CA LYS A 70 3.57 22.95 15.65
C LYS A 70 4.72 23.60 16.42
N GLU A 71 5.69 22.81 16.88
CA GLU A 71 6.77 23.44 17.65
C GLU A 71 7.74 24.31 16.82
N GLU A 72 7.96 23.93 15.58
CA GLU A 72 8.79 24.72 14.64
C GLU A 72 8.15 26.09 14.50
N ASN A 73 6.84 26.14 14.45
CA ASN A 73 6.13 27.41 14.36
C ASN A 73 6.11 28.20 15.66
N LYS A 74 6.19 27.51 16.79
CA LYS A 74 6.19 28.19 18.10
C LYS A 74 7.58 28.57 18.56
N GLY A 75 8.60 27.98 17.92
CA GLY A 75 9.97 28.18 18.33
C GLY A 75 10.41 27.31 19.48
N GLY A 76 9.85 26.11 19.60
CA GLY A 76 10.08 25.24 20.75
C GLY A 76 11.34 24.38 20.62
N GLU A 77 12.50 25.02 20.67
CA GLU A 77 13.79 24.34 20.36
C GLU A 77 14.13 23.11 21.21
N ASP A 78 13.91 23.21 22.52
CA ASP A 78 14.19 22.11 23.43
C ASP A 78 13.27 20.93 23.17
N LYS A 79 11.97 21.19 22.93
CA LYS A 79 11.08 20.08 22.61
C LYS A 79 11.44 19.52 21.27
N LEU A 80 11.86 20.37 20.33
CA LEU A 80 12.17 19.86 18.99
C LEU A 80 13.31 18.83 18.97
N LYS A 81 14.32 18.98 19.83
CA LYS A 81 15.37 17.93 19.96
C LYS A 81 14.76 16.56 20.29
N MET A 82 13.84 16.51 21.26
CA MET A 82 13.14 15.24 21.57
C MET A 82 12.20 14.79 20.50
N ILE A 83 11.48 15.74 19.91
CA ILE A 83 10.53 15.34 18.85
C ILE A 83 11.23 14.71 17.65
N ARG A 84 12.35 15.32 17.22
CA ARG A 84 13.07 14.85 16.06
C ARG A 84 13.69 13.49 16.32
N GLU A 85 14.21 13.26 17.51
CA GLU A 85 14.83 11.96 17.82
C GLU A 85 13.74 10.90 17.81
N TYR A 86 12.57 11.30 18.24
CA TYR A 86 11.45 10.37 18.34
C TYR A 86 10.96 9.98 16.93
N ARG A 87 10.81 11.00 16.10
CA ARG A 87 10.44 10.78 14.70
C ARG A 87 11.43 9.83 14.02
N GLN A 88 12.71 10.08 14.25
CA GLN A 88 13.78 9.33 13.58
C GLN A 88 13.72 7.86 14.02
N MET A 89 13.42 7.63 15.29
CA MET A 89 13.20 6.24 15.74
C MET A 89 12.03 5.53 14.99
N VAL A 90 10.94 6.27 14.78
CA VAL A 90 9.78 5.67 14.14
C VAL A 90 10.10 5.42 12.68
N GLU A 91 10.85 6.33 12.05
CA GLU A 91 11.30 6.12 10.65
C GLU A 91 12.18 4.88 10.50
N THR A 92 13.03 4.62 11.49
CA THR A 92 13.84 3.37 11.44
C THR A 92 12.97 2.11 11.44
N GLU A 93 11.93 2.14 12.31
CA GLU A 93 10.93 1.08 12.32
C GLU A 93 10.22 1.00 10.99
N LEU A 94 9.79 2.13 10.45
CA LEU A 94 9.16 2.12 9.10
C LEU A 94 10.06 1.51 8.04
N LYS A 95 11.33 1.93 8.01
CA LYS A 95 12.26 1.44 6.99
C LYS A 95 12.39 -0.10 7.12
N LEU A 96 12.53 -0.59 8.36
CA LEU A 96 12.67 -2.06 8.60
C LEU A 96 11.44 -2.80 8.15
N ILE A 97 10.26 -2.30 8.51
CA ILE A 97 9.01 -2.98 8.08
C ILE A 97 8.87 -3.02 6.55
N CYS A 98 9.08 -1.89 5.91
CA CYS A 98 9.07 -1.88 4.43
C CYS A 98 10.08 -2.82 3.80
N CYS A 99 11.35 -2.81 4.26
CA CYS A 99 12.39 -3.69 3.76
C CYS A 99 12.01 -5.15 3.95
N ASP A 100 11.34 -5.45 5.04
CA ASP A 100 10.93 -6.82 5.32
C ASP A 100 10.01 -7.31 4.23
N ILE A 101 8.90 -6.60 4.01
CA ILE A 101 7.95 -7.06 3.00
C ILE A 101 8.52 -6.95 1.57
N LEU A 102 9.34 -5.94 1.32
CA LEU A 102 9.94 -5.81 0.01
C LEU A 102 10.85 -7.00 -0.30
N ASP A 103 11.53 -7.55 0.72
CA ASP A 103 12.36 -8.73 0.54
C ASP A 103 11.57 -10.01 0.28
N VAL A 104 10.48 -10.19 1.02
CA VAL A 104 9.54 -11.27 0.79
C VAL A 104 8.94 -11.17 -0.62
N LEU A 105 8.53 -9.96 -1.05
CA LEU A 105 7.98 -9.82 -2.44
C LEU A 105 9.03 -10.20 -3.48
N ASP A 106 10.25 -9.70 -3.28
CA ASP A 106 11.32 -9.93 -4.27
C ASP A 106 11.82 -11.39 -4.38
N LYS A 107 12.02 -12.03 -3.24
CA LYS A 107 12.60 -13.38 -3.17
C LYS A 107 11.53 -14.47 -3.32
N HIS A 108 10.28 -14.17 -3.00
CA HIS A 108 9.30 -15.25 -2.77
C HIS A 108 8.02 -15.07 -3.59
N LEU A 109 7.32 -13.97 -3.32
CA LEU A 109 5.98 -13.79 -3.88
C LEU A 109 6.00 -13.50 -5.37
N ILE A 110 6.79 -12.50 -5.78
CA ILE A 110 6.84 -12.20 -7.22
C ILE A 110 7.34 -13.41 -8.05
N PRO A 111 8.48 -14.00 -7.72
CA PRO A 111 8.92 -15.18 -8.51
C PRO A 111 7.90 -16.32 -8.62
N ALA A 112 7.12 -16.57 -7.57
CA ALA A 112 6.17 -17.68 -7.52
C ALA A 112 4.81 -17.33 -8.12
N ALA A 113 4.58 -16.05 -8.42
CA ALA A 113 3.29 -15.59 -8.91
C ALA A 113 3.01 -16.09 -10.33
N ASN A 114 1.85 -16.69 -10.55
CA ASN A 114 1.57 -17.23 -11.88
C ASN A 114 0.15 -16.96 -12.39
N THR A 115 -0.51 -15.96 -11.84
CA THR A 115 -1.80 -15.46 -12.39
C THR A 115 -1.71 -13.96 -12.61
N GLY A 116 -2.57 -13.44 -13.47
CA GLY A 116 -2.67 -12.01 -13.67
C GLY A 116 -2.99 -11.28 -12.37
N GLU A 117 -4.04 -11.71 -11.66
CA GLU A 117 -4.42 -11.12 -10.37
C GLU A 117 -3.23 -11.10 -9.40
N SER A 118 -2.53 -12.23 -9.23
CA SER A 118 -1.54 -12.25 -8.14
C SER A 118 -0.33 -11.41 -8.56
N LYS A 119 0.04 -11.44 -9.84
CA LYS A 119 1.14 -10.58 -10.32
C LYS A 119 0.78 -9.11 -10.09
N VAL A 120 -0.45 -8.71 -10.44
CA VAL A 120 -0.76 -7.25 -10.25
C VAL A 120 -0.78 -6.92 -8.75
N PHE A 121 -1.32 -7.85 -7.96
CA PHE A 121 -1.40 -7.63 -6.49
C PHE A 121 -0.01 -7.38 -5.93
N TYR A 122 0.97 -8.18 -6.29
CA TYR A 122 2.29 -8.07 -5.67
C TYR A 122 3.06 -6.88 -6.21
N TYR A 123 2.96 -6.57 -7.51
CA TYR A 123 3.64 -5.34 -8.01
C TYR A 123 3.00 -4.07 -7.39
N LYS A 124 1.68 -4.05 -7.26
CA LYS A 124 1.00 -2.98 -6.53
C LYS A 124 1.55 -2.86 -5.07
N MET A 125 1.68 -3.99 -4.39
CA MET A 125 2.19 -3.98 -3.00
C MET A 125 3.62 -3.44 -3.01
N LYS A 126 4.39 -3.82 -4.00
CA LYS A 126 5.78 -3.39 -4.12
C LYS A 126 5.81 -1.85 -4.31
N GLY A 127 4.92 -1.33 -5.17
CA GLY A 127 4.75 0.13 -5.36
C GLY A 127 4.36 0.80 -4.02
N ASP A 128 3.38 0.20 -3.32
CA ASP A 128 2.91 0.73 -2.03
C ASP A 128 4.04 0.87 -1.03
N TYR A 129 4.82 -0.20 -0.79
CA TYR A 129 5.88 -0.15 0.27
C TYR A 129 7.06 0.74 -0.12
N HIS A 130 7.39 0.83 -1.40
CA HIS A 130 8.33 1.90 -1.81
C HIS A 130 7.74 3.27 -1.62
N ARG A 131 6.43 3.40 -1.88
CA ARG A 131 5.77 4.67 -1.61
C ARG A 131 5.83 5.04 -0.11
N TYR A 132 5.64 4.06 0.74
CA TYR A 132 5.72 4.36 2.19
C TYR A 132 7.13 4.83 2.58
N LEU A 133 8.15 4.20 1.98
CA LEU A 133 9.51 4.64 2.16
C LEU A 133 9.67 6.11 1.73
N ALA A 134 9.04 6.47 0.60
CA ALA A 134 9.18 7.80 0.03
C ALA A 134 8.45 8.87 0.89
N GLU A 135 7.43 8.47 1.66
CA GLU A 135 6.62 9.42 2.46
C GLU A 135 7.52 10.19 3.44
N PHE A 136 8.48 9.52 4.05
CA PHE A 136 9.37 10.16 5.06
C PHE A 136 10.80 10.36 4.58
N ALA A 137 11.14 9.88 3.39
CA ALA A 137 12.50 9.95 2.90
C ALA A 137 12.73 11.38 2.47
N THR A 138 14.00 11.76 2.52
CA THR A 138 14.45 13.07 2.05
C THR A 138 15.53 12.92 0.97
N GLY A 139 15.67 13.95 0.14
CA GLY A 139 16.79 14.06 -0.81
C GLY A 139 16.88 12.83 -1.71
N ASN A 140 18.09 12.33 -1.93
CA ASN A 140 18.29 11.19 -2.85
C ASN A 140 17.51 9.93 -2.48
N ASP A 141 17.37 9.66 -1.17
CA ASP A 141 16.64 8.46 -0.73
C ASP A 141 15.20 8.54 -1.21
N ARG A 142 14.65 9.74 -1.20
CA ARG A 142 13.25 9.94 -1.62
C ARG A 142 13.17 9.72 -3.13
N LYS A 143 14.14 10.29 -3.88
CA LYS A 143 14.16 10.09 -5.31
C LYS A 143 14.22 8.61 -5.61
N GLU A 144 15.13 7.88 -4.94
CA GLU A 144 15.26 6.41 -5.17
C GLU A 144 13.96 5.66 -4.86
N ALA A 145 13.33 5.98 -3.73
CA ALA A 145 12.13 5.23 -3.35
C ALA A 145 11.03 5.58 -4.35
N ALA A 146 11.01 6.83 -4.81
CA ALA A 146 9.94 7.24 -5.76
C ALA A 146 10.12 6.53 -7.10
N GLU A 147 11.39 6.44 -7.56
CA GLU A 147 11.71 5.71 -8.83
C GLU A 147 11.32 4.22 -8.72
N ASN A 148 11.67 3.57 -7.60
CA ASN A 148 11.33 2.18 -7.41
C ASN A 148 9.79 2.01 -7.36
N SER A 149 9.10 2.89 -6.61
CA SER A 149 7.61 2.84 -6.51
C SER A 149 7.02 3.02 -7.92
N LEU A 150 7.51 4.01 -8.65
CA LEU A 150 7.00 4.26 -10.01
C LEU A 150 7.17 3.04 -10.91
N VAL A 151 8.37 2.49 -10.97
CA VAL A 151 8.60 1.28 -11.75
C VAL A 151 7.64 0.15 -11.40
N ALA A 152 7.41 -0.01 -10.08
CA ALA A 152 6.55 -1.12 -9.63
C ALA A 152 5.08 -0.85 -10.03
N TYR A 153 4.62 0.37 -9.82
CA TYR A 153 3.23 0.68 -10.19
C TYR A 153 3.02 0.57 -11.73
N LYS A 154 4.05 0.95 -12.50
CA LYS A 154 3.94 0.77 -13.97
C LYS A 154 3.85 -0.69 -14.38
N ALA A 155 4.61 -1.57 -13.72
CA ALA A 155 4.65 -3.01 -14.08
C ALA A 155 3.29 -3.60 -13.72
N ALA A 156 2.77 -3.21 -12.57
CA ALA A 156 1.45 -3.68 -12.15
C ALA A 156 0.37 -3.16 -13.13
N SER A 157 0.55 -1.92 -13.61
CA SER A 157 -0.53 -1.28 -14.45
C SER A 157 -0.54 -1.97 -15.84
N ASP A 158 0.64 -2.32 -16.34
CA ASP A 158 0.81 -3.07 -17.64
C ASP A 158 0.02 -4.37 -17.56
N ILE A 159 0.28 -5.16 -16.53
CA ILE A 159 -0.40 -6.46 -16.39
C ILE A 159 -1.88 -6.26 -16.18
N ALA A 160 -2.24 -5.25 -15.37
CA ALA A 160 -3.67 -4.98 -15.03
C ALA A 160 -4.46 -4.67 -16.30
N MET A 161 -3.88 -3.86 -17.19
CA MET A 161 -4.61 -3.39 -18.36
C MET A 161 -4.82 -4.54 -19.35
N THR A 162 -3.91 -5.50 -19.34
CA THR A 162 -4.04 -6.62 -20.26
C THR A 162 -4.84 -7.81 -19.69
N GLU A 163 -4.79 -8.00 -18.37
CA GLU A 163 -5.33 -9.21 -17.73
C GLU A 163 -6.57 -9.02 -16.88
N LEU A 164 -6.85 -7.79 -16.38
CA LEU A 164 -7.96 -7.62 -15.47
C LEU A 164 -8.98 -6.64 -16.03
N PRO A 165 -10.28 -6.87 -15.79
CA PRO A 165 -11.25 -5.88 -16.25
C PRO A 165 -11.12 -4.59 -15.47
N PRO A 166 -11.57 -3.46 -16.05
CA PRO A 166 -11.41 -2.15 -15.36
C PRO A 166 -12.18 -2.05 -14.07
N THR A 167 -13.16 -2.94 -13.83
CA THR A 167 -13.88 -3.01 -12.55
C THR A 167 -13.21 -3.87 -11.48
N HIS A 168 -12.14 -4.61 -11.81
CA HIS A 168 -11.54 -5.50 -10.85
C HIS A 168 -10.99 -4.72 -9.64
N PRO A 169 -11.27 -5.16 -8.38
CA PRO A 169 -10.86 -4.36 -7.24
C PRO A 169 -9.35 -4.22 -7.17
N ILE A 170 -8.60 -5.20 -7.65
CA ILE A 170 -7.16 -5.06 -7.55
C ILE A 170 -6.71 -3.97 -8.52
N ARG A 171 -7.27 -4.02 -9.72
CA ARG A 171 -7.01 -2.94 -10.71
C ARG A 171 -7.44 -1.53 -10.27
N LEU A 172 -8.65 -1.39 -9.74
CA LEU A 172 -9.10 -0.15 -9.17
C LEU A 172 -8.24 0.32 -7.97
N GLY A 173 -7.94 -0.57 -7.03
CA GLY A 173 -7.04 -0.24 -5.89
C GLY A 173 -5.66 0.21 -6.36
N LEU A 174 -5.15 -0.44 -7.42
CA LEU A 174 -3.89 -0.07 -8.04
C LEU A 174 -4.05 1.38 -8.57
N ALA A 175 -5.12 1.66 -9.31
CA ALA A 175 -5.34 3.04 -9.84
C ALA A 175 -5.41 4.09 -8.73
N LEU A 176 -6.10 3.75 -7.65
CA LEU A 176 -6.27 4.64 -6.50
C LEU A 176 -4.90 4.93 -5.89
N ASN A 177 -4.12 3.89 -5.64
CA ASN A 177 -2.82 4.05 -4.97
C ASN A 177 -1.79 4.77 -5.85
N PHE A 178 -1.82 4.50 -7.15
CA PHE A 178 -0.91 5.11 -8.11
C PHE A 178 -1.27 6.60 -8.24
N SER A 179 -2.56 6.92 -8.22
CA SER A 179 -2.95 8.33 -8.26
C SER A 179 -2.50 9.02 -6.98
N VAL A 180 -2.62 8.38 -5.82
CA VAL A 180 -2.08 8.96 -4.55
C VAL A 180 -0.59 9.12 -4.65
N PHE A 181 0.07 8.14 -5.24
CA PHE A 181 1.50 8.31 -5.52
C PHE A 181 1.86 9.60 -6.31
N TYR A 182 1.19 9.83 -7.45
CA TYR A 182 1.43 11.03 -8.28
C TYR A 182 1.18 12.29 -7.44
N TYR A 183 0.12 12.27 -6.61
CA TYR A 183 -0.26 13.44 -5.84
C TYR A 183 0.72 13.74 -4.69
N GLU A 184 1.00 12.73 -3.87
CA GLU A 184 1.73 12.93 -2.61
C GLU A 184 3.22 12.81 -2.79
N ILE A 185 3.68 11.93 -3.67
CA ILE A 185 5.14 11.76 -3.86
C ILE A 185 5.67 12.55 -5.03
N LEU A 186 5.01 12.48 -6.18
CA LEU A 186 5.57 13.15 -7.35
C LEU A 186 5.09 14.60 -7.49
N ASN A 187 4.24 15.03 -6.55
CA ASN A 187 3.76 16.38 -6.51
C ASN A 187 3.06 16.76 -7.83
N SER A 188 2.23 15.86 -8.33
CA SER A 188 1.69 16.06 -9.65
C SER A 188 0.15 15.91 -9.63
N PRO A 189 -0.60 16.92 -9.13
CA PRO A 189 -2.08 16.80 -9.06
C PRO A 189 -2.75 16.57 -10.43
N ASP A 190 -2.21 17.16 -11.48
CA ASP A 190 -2.71 16.92 -12.83
C ASP A 190 -2.73 15.44 -13.18
N ARG A 191 -1.57 14.79 -13.04
CA ARG A 191 -1.44 13.37 -13.36
C ARG A 191 -2.27 12.53 -12.41
N ALA A 192 -2.30 12.93 -11.14
CA ALA A 192 -3.10 12.17 -10.17
C ALA A 192 -4.58 12.21 -10.55
N CYS A 193 -5.11 13.39 -10.84
CA CYS A 193 -6.53 13.49 -11.15
C CYS A 193 -6.84 12.77 -12.46
N ARG A 194 -5.92 12.84 -13.42
CA ARG A 194 -6.19 12.20 -14.72
C ARG A 194 -6.29 10.67 -14.56
N LEU A 195 -5.36 10.10 -13.78
CA LEU A 195 -5.34 8.64 -13.60
C LEU A 195 -6.60 8.21 -12.85
N ALA A 196 -6.92 8.91 -11.75
CA ALA A 196 -8.05 8.54 -10.92
C ALA A 196 -9.33 8.70 -11.75
N LYS A 197 -9.47 9.81 -12.48
CA LYS A 197 -10.69 9.97 -13.31
C LYS A 197 -10.79 8.92 -14.43
N ALA A 198 -9.66 8.58 -15.06
CA ALA A 198 -9.63 7.60 -16.16
C ALA A 198 -10.08 6.24 -15.60
N ALA A 199 -9.50 5.84 -14.47
CA ALA A 199 -9.81 4.51 -13.84
C ALA A 199 -11.31 4.43 -13.50
N PHE A 200 -11.82 5.50 -12.90
CA PHE A 200 -13.26 5.60 -12.57
C PHE A 200 -14.16 5.49 -13.80
N ASP A 201 -13.87 6.28 -14.83
CA ASP A 201 -14.70 6.30 -16.03
C ASP A 201 -14.62 4.95 -16.74
N ASP A 202 -13.46 4.27 -16.69
CA ASP A 202 -13.30 3.00 -17.42
C ASP A 202 -14.17 1.96 -16.73
N ALA A 203 -14.22 2.01 -15.40
CA ALA A 203 -15.13 1.10 -14.65
C ALA A 203 -16.58 1.38 -14.91
N ILE A 204 -16.97 2.67 -14.90
CA ILE A 204 -18.38 3.04 -15.18
C ILE A 204 -18.81 2.45 -16.54
N ALA A 205 -17.90 2.50 -17.53
CA ALA A 205 -18.20 2.09 -18.90
C ALA A 205 -18.41 0.59 -19.03
N GLU A 206 -17.95 -0.18 -18.06
CA GLU A 206 -17.96 -1.65 -18.20
C GLU A 206 -18.48 -2.28 -16.92
N LEU A 207 -19.55 -1.70 -16.40
CA LEU A 207 -20.01 -2.14 -15.11
C LEU A 207 -20.45 -3.60 -15.13
N ASP A 208 -20.83 -4.10 -16.31
CA ASP A 208 -21.17 -5.54 -16.49
C ASP A 208 -20.01 -6.53 -16.25
N THR A 209 -18.79 -6.02 -16.05
CA THR A 209 -17.67 -6.86 -15.68
C THR A 209 -17.50 -7.02 -14.14
N LEU A 210 -18.34 -6.32 -13.38
CA LEU A 210 -18.27 -6.47 -11.90
C LEU A 210 -18.45 -7.93 -11.52
N SER A 211 -17.73 -8.37 -10.50
CA SER A 211 -17.79 -9.78 -10.10
C SER A 211 -18.62 -9.95 -8.84
N GLU A 212 -19.40 -11.04 -8.78
CA GLU A 212 -20.09 -11.41 -7.54
C GLU A 212 -19.17 -11.44 -6.32
N GLU A 213 -17.91 -11.85 -6.53
CA GLU A 213 -16.94 -11.99 -5.42
C GLU A 213 -16.53 -10.67 -4.80
N SER A 214 -16.61 -9.59 -5.58
CA SER A 214 -15.90 -8.36 -5.19
C SER A 214 -16.66 -7.07 -5.50
N TYR A 215 -17.92 -7.17 -5.91
CA TYR A 215 -18.57 -5.89 -6.28
C TYR A 215 -18.62 -4.87 -5.16
N LYS A 216 -18.72 -5.30 -3.91
CA LYS A 216 -18.73 -4.32 -2.83
C LYS A 216 -17.37 -3.66 -2.69
N ASP A 217 -16.31 -4.45 -2.89
CA ASP A 217 -14.96 -3.92 -2.86
C ASP A 217 -14.73 -2.95 -4.00
N SER A 218 -15.23 -3.26 -5.21
CA SER A 218 -15.12 -2.34 -6.35
C SER A 218 -15.86 -1.04 -6.07
N THR A 219 -17.06 -1.15 -5.48
CA THR A 219 -17.89 0.01 -5.22
C THR A 219 -17.20 0.92 -4.26
N LEU A 220 -16.63 0.32 -3.24
CA LEU A 220 -15.96 1.09 -2.22
C LEU A 220 -14.83 1.80 -2.90
N ILE A 221 -14.06 1.09 -3.74
CA ILE A 221 -12.86 1.74 -4.31
C ILE A 221 -13.24 2.89 -5.22
N MET A 222 -14.29 2.70 -6.01
CA MET A 222 -14.82 3.74 -6.90
C MET A 222 -15.21 4.96 -6.07
N GLN A 223 -15.84 4.72 -4.92
CA GLN A 223 -16.15 5.86 -3.98
C GLN A 223 -14.89 6.56 -3.49
N LEU A 224 -13.85 5.79 -3.23
CA LEU A 224 -12.60 6.38 -2.75
C LEU A 224 -11.91 7.22 -3.84
N LEU A 225 -11.94 6.74 -5.09
CA LEU A 225 -11.47 7.53 -6.25
C LEU A 225 -12.26 8.84 -6.34
N ARG A 226 -13.59 8.79 -6.21
CA ARG A 226 -14.41 9.96 -6.34
C ARG A 226 -14.10 10.95 -5.18
N ASP A 227 -13.94 10.41 -3.97
CA ASP A 227 -13.64 11.24 -2.78
C ASP A 227 -12.30 11.97 -2.96
N ASN A 228 -11.26 11.25 -3.38
CA ASN A 228 -9.97 11.93 -3.64
C ASN A 228 -10.07 12.99 -4.71
N LEU A 229 -10.74 12.67 -5.83
CA LEU A 229 -10.98 13.65 -6.88
C LEU A 229 -11.70 14.88 -6.35
N THR A 230 -12.65 14.65 -5.43
CA THR A 230 -13.34 15.77 -4.79
C THR A 230 -12.35 16.65 -4.02
N LEU A 231 -11.53 16.00 -3.21
CA LEU A 231 -10.49 16.69 -2.41
C LEU A 231 -9.57 17.47 -3.35
N TRP A 232 -9.07 16.82 -4.41
CA TRP A 232 -8.06 17.44 -5.30
C TRP A 232 -8.53 18.54 -6.29
N THR A 233 -9.83 18.60 -6.57
CA THR A 233 -10.35 19.47 -7.63
C THR A 233 -11.34 20.46 -7.04
N ARG B 2 -7.76 14.72 3.72
CA ARG B 2 -6.81 13.60 3.86
C ARG B 2 -7.15 12.60 2.77
N GLN B 3 -6.13 12.24 2.00
CA GLN B 3 -6.30 11.31 0.89
C GLN B 3 -6.63 9.96 1.46
N ARG B 4 -7.37 9.16 0.69
CA ARG B 4 -7.55 7.78 1.07
C ARG B 4 -6.79 6.90 0.08
N SEP B 5 -6.28 5.78 0.54
CA SEP B 5 -5.71 4.84 -0.40
CB SEP B 5 -4.20 4.72 -0.11
OG SEP B 5 -4.01 4.28 1.27
C SEP B 5 -6.45 3.51 -0.23
O SEP B 5 -7.39 3.42 0.58
P SEP B 5 -2.47 4.02 1.75
O1P SEP B 5 -2.67 3.50 3.25
O2P SEP B 5 -1.74 5.44 1.58
O3P SEP B 5 -1.95 2.83 0.84
N ALA B 6 -6.06 2.49 -0.99
CA ALA B 6 -6.86 1.29 -1.05
C ALA B 6 -6.86 0.52 0.28
N PRO B 7 -7.97 -0.18 0.57
CA PRO B 7 -7.91 -1.14 1.71
C PRO B 7 -6.97 -2.36 1.42
#